data_9HSV
#
_entry.id   9HSV
#
_cell.length_a   50.150
_cell.length_b   71.112
_cell.length_c   118.916
_cell.angle_alpha   90.000
_cell.angle_beta   90.000
_cell.angle_gamma   90.000
#
_symmetry.space_group_name_H-M   'I 2 2 2'
#
loop_
_entity.id
_entity.type
_entity.pdbx_description
1 polymer 'choline-phosphate cytidylyltransferase'
2 non-polymer 1~{H}-pyrazol-5-ylmethanol
3 water water
#
_entity_poly.entity_id   1
_entity_poly.type   'polypeptide(L)'
_entity_poly.pdbx_seq_one_letter_code
;GHMAVPDDDDDDDNSNDESEYESSQMDSEKNKGSIKNSKNVVIYADGVYDMLHLGHMKQLEQAKKLFENTTLIVGVTSDN
ETKLFKGQVVQTLEERTETLKHIRWVDEIISPCPWVVTPEFLEKYKIDYVAHDDIPYANNQKEDIYAWLKRAGKFKATQR
TEGVSTTDLIVRILKNYED
;
_entity_poly.pdbx_strand_id   A
#
# COMPACT_ATOMS: atom_id res chain seq x y z
N LYS A 39 -18.48 -0.29 -14.69
CA LYS A 39 -17.46 -1.29 -14.96
C LYS A 39 -16.12 -0.95 -14.29
N ASN A 40 -15.83 0.34 -14.10
CA ASN A 40 -14.59 0.71 -13.41
C ASN A 40 -14.76 0.56 -11.90
N VAL A 41 -13.79 -0.11 -11.28
CA VAL A 41 -13.84 -0.46 -9.87
C VAL A 41 -12.72 0.31 -9.17
N VAL A 42 -13.05 0.98 -8.07
CA VAL A 42 -12.06 1.77 -7.33
C VAL A 42 -11.47 0.90 -6.23
N ILE A 43 -10.14 0.75 -6.25
CA ILE A 43 -9.39 -0.08 -5.32
C ILE A 43 -8.52 0.84 -4.49
N TYR A 44 -8.50 0.62 -3.18
CA TYR A 44 -7.67 1.40 -2.27
C TYR A 44 -6.65 0.49 -1.60
N ALA A 45 -5.38 0.83 -1.72
CA ALA A 45 -4.27 0.08 -1.11
C ALA A 45 -3.45 1.05 -0.27
N ASP A 46 -3.51 0.93 1.05
CA ASP A 46 -2.71 1.85 1.86
C ASP A 46 -1.47 1.14 2.39
N GLY A 47 -0.53 1.93 2.89
CA GLY A 47 0.72 1.38 3.36
C GLY A 47 1.71 2.46 3.69
N VAL A 48 2.85 2.02 4.25
CA VAL A 48 3.95 2.94 4.51
C VAL A 48 4.75 3.16 3.22
N TYR A 49 4.97 2.11 2.45
CA TYR A 49 5.77 2.18 1.21
C TYR A 49 7.15 2.78 1.48
N ASP A 50 7.77 2.42 2.60
CA ASP A 50 9.12 2.86 2.88
C ASP A 50 10.11 2.07 2.02
N MET A 51 11.07 2.79 1.41
CA MET A 51 12.10 2.18 0.56
C MET A 51 11.50 1.15 -0.39
N LEU A 52 10.62 1.66 -1.26
CA LEU A 52 9.80 0.82 -2.11
C LEU A 52 10.63 -0.23 -2.83
N HIS A 53 10.16 -1.48 -2.79
CA HIS A 53 10.90 -2.57 -3.41
C HIS A 53 9.95 -3.44 -4.23
N LEU A 54 10.51 -4.48 -4.84
CA LEU A 54 9.72 -5.32 -5.75
C LEU A 54 8.52 -5.95 -5.05
N GLY A 55 8.64 -6.24 -3.75
CA GLY A 55 7.49 -6.75 -3.02
C GLY A 55 6.31 -5.80 -3.06
N HIS A 56 6.56 -4.52 -2.75
CA HIS A 56 5.52 -3.50 -2.83
C HIS A 56 4.95 -3.43 -4.25
N MET A 57 5.84 -3.44 -5.24
CA MET A 57 5.43 -3.27 -6.63
C MET A 57 4.50 -4.38 -7.08
N LYS A 58 4.83 -5.62 -6.71
CA LYS A 58 3.99 -6.76 -7.07
C LYS A 58 2.64 -6.72 -6.35
N GLN A 59 2.62 -6.21 -5.12
CA GLN A 59 1.34 -6.07 -4.42
C GLN A 59 0.49 -5.01 -5.08
N LEU A 60 1.11 -3.92 -5.50
CA LEU A 60 0.37 -2.89 -6.21
C LEU A 60 -0.15 -3.41 -7.54
N GLU A 61 0.67 -4.20 -8.26
CA GLU A 61 0.21 -4.81 -9.50
C GLU A 61 -1.01 -5.70 -9.24
N GLN A 62 -0.95 -6.49 -8.18
CA GLN A 62 -2.07 -7.36 -7.86
C GLN A 62 -3.33 -6.56 -7.58
N ALA A 63 -3.20 -5.51 -6.78
CA ALA A 63 -4.35 -4.65 -6.48
C ALA A 63 -4.95 -4.08 -7.75
N LYS A 64 -4.07 -3.57 -8.65
CA LYS A 64 -4.52 -2.94 -9.88
C LYS A 64 -5.29 -3.91 -10.75
N LYS A 65 -4.90 -5.19 -10.74
CA LYS A 65 -5.45 -6.20 -11.62
C LYS A 65 -6.58 -7.02 -10.98
N LEU A 66 -7.13 -6.56 -9.86
CA LEU A 66 -8.20 -7.34 -9.21
C LEU A 66 -9.45 -7.45 -10.08
N PHE A 67 -9.70 -6.46 -10.94
CA PHE A 67 -10.80 -6.47 -11.88
C PHE A 67 -10.30 -5.94 -13.21
N GLU A 68 -11.14 -6.08 -14.24
CA GLU A 68 -10.72 -5.73 -15.59
C GLU A 68 -10.38 -4.25 -15.71
N ASN A 69 -11.26 -3.40 -15.19
CA ASN A 69 -11.13 -1.94 -15.28
C ASN A 69 -11.13 -1.41 -13.86
N THR A 70 -9.99 -0.86 -13.42
CA THR A 70 -9.87 -0.34 -12.07
C THR A 70 -9.27 1.06 -12.08
N THR A 71 -9.50 1.76 -10.97
CA THR A 71 -8.67 2.88 -10.54
C THR A 71 -8.03 2.47 -9.22
N LEU A 72 -6.69 2.41 -9.19
CA LEU A 72 -5.99 2.06 -7.97
C LEU A 72 -5.55 3.34 -7.27
N ILE A 73 -6.13 3.59 -6.09
CA ILE A 73 -5.75 4.70 -5.23
C ILE A 73 -4.82 4.13 -4.17
N VAL A 74 -3.65 4.74 -4.01
CA VAL A 74 -2.69 4.31 -3.01
C VAL A 74 -2.65 5.35 -1.90
N GLY A 75 -2.79 4.92 -0.66
CA GLY A 75 -2.69 5.80 0.48
C GLY A 75 -1.34 5.62 1.16
N VAL A 76 -0.71 6.73 1.49
CA VAL A 76 0.65 6.73 2.04
C VAL A 76 0.59 7.30 3.45
N THR A 77 1.02 6.51 4.43
CA THR A 77 0.84 6.89 5.82
C THR A 77 1.77 8.03 6.23
N SER A 78 1.31 8.84 7.19
CA SER A 78 2.10 9.97 7.64
C SER A 78 3.32 9.52 8.43
N ASP A 79 4.32 10.41 8.50
CA ASP A 79 5.54 10.09 9.25
C ASP A 79 5.23 9.87 10.72
N ASN A 80 4.50 10.80 11.34
CA ASN A 80 4.25 10.73 12.79
C ASN A 80 3.51 9.45 13.15
N GLU A 81 2.46 9.12 12.39
CA GLU A 81 1.64 7.97 12.74
C GLU A 81 2.38 6.66 12.50
N THR A 82 3.19 6.60 11.43
CA THR A 82 4.01 5.41 11.21
C THR A 82 4.99 5.20 12.37
N LYS A 83 5.69 6.26 12.77
CA LYS A 83 6.61 6.14 13.90
C LYS A 83 5.86 5.74 15.16
N LEU A 84 4.67 6.32 15.38
CA LEU A 84 3.93 6.06 16.60
C LEU A 84 3.43 4.62 16.66
N PHE A 85 2.86 4.13 15.57
CA PHE A 85 2.14 2.86 15.57
C PHE A 85 2.93 1.70 15.00
N LYS A 86 3.84 1.93 14.08
CA LYS A 86 4.60 0.83 13.47
C LYS A 86 6.06 0.82 13.87
N GLY A 87 6.75 1.93 13.69
CA GLY A 87 8.13 2.02 14.08
C GLY A 87 8.91 2.90 13.11
N GLN A 88 10.22 2.78 13.19
CA GLN A 88 11.12 3.65 12.44
C GLN A 88 10.78 3.65 10.96
N VAL A 89 10.81 4.84 10.36
CA VAL A 89 10.62 5.02 8.94
C VAL A 89 11.88 5.69 8.39
N VAL A 90 12.39 5.18 7.27
CA VAL A 90 13.65 5.69 6.74
C VAL A 90 13.42 6.93 5.90
N GLN A 91 12.45 6.87 4.98
CA GLN A 91 12.14 7.97 4.08
C GLN A 91 10.98 8.80 4.60
N THR A 92 11.04 10.10 4.30
CA THR A 92 9.96 11.00 4.67
C THR A 92 8.72 10.72 3.84
N LEU A 93 7.59 11.26 4.30
CA LEU A 93 6.36 11.10 3.53
C LEU A 93 6.55 11.56 2.10
N GLU A 94 7.20 12.71 1.92
CA GLU A 94 7.42 13.26 0.58
C GLU A 94 8.25 12.31 -0.27
N GLU A 95 9.31 11.74 0.30
CA GLU A 95 10.14 10.79 -0.44
C GLU A 95 9.37 9.52 -0.79
N ARG A 96 8.59 9.00 0.16
CA ARG A 96 7.84 7.78 -0.11
C ARG A 96 6.77 8.03 -1.16
N THR A 97 6.14 9.20 -1.12
CA THR A 97 5.10 9.50 -2.09
C THR A 97 5.68 9.68 -3.49
N GLU A 98 6.87 10.29 -3.57
CA GLU A 98 7.48 10.58 -4.85
C GLU A 98 7.79 9.30 -5.64
N THR A 99 8.32 8.28 -4.97
CA THR A 99 8.64 7.04 -5.68
C THR A 99 7.38 6.44 -6.31
N LEU A 100 6.26 6.51 -5.60
CA LEU A 100 5.02 5.90 -6.08
C LEU A 100 4.50 6.55 -7.35
N LYS A 101 4.87 7.80 -7.62
CA LYS A 101 4.46 8.46 -8.86
C LYS A 101 5.07 7.78 -10.09
N HIS A 102 6.08 6.95 -9.91
CA HIS A 102 6.77 6.33 -11.03
C HIS A 102 6.31 4.90 -11.27
N ILE A 103 5.36 4.40 -10.49
CA ILE A 103 4.98 3.00 -10.55
C ILE A 103 3.78 2.86 -11.49
N ARG A 104 3.88 1.89 -12.40
CA ARG A 104 2.92 1.75 -13.50
C ARG A 104 1.50 1.58 -12.98
N TRP A 105 1.35 0.87 -11.87
CA TRP A 105 0.04 0.40 -11.42
C TRP A 105 -0.72 1.46 -10.66
N VAL A 106 -0.06 2.54 -10.26
CA VAL A 106 -0.67 3.54 -9.38
C VAL A 106 -1.39 4.57 -10.23
N ASP A 107 -2.69 4.75 -9.97
CA ASP A 107 -3.50 5.70 -10.71
C ASP A 107 -3.69 7.01 -9.95
N GLU A 108 -3.89 6.93 -8.64
CA GLU A 108 -4.14 8.11 -7.81
C GLU A 108 -3.49 7.88 -6.45
N ILE A 109 -3.14 8.97 -5.76
CA ILE A 109 -2.47 8.88 -4.47
C ILE A 109 -3.18 9.77 -3.47
N ILE A 110 -3.35 9.26 -2.25
CA ILE A 110 -3.79 10.06 -1.10
C ILE A 110 -2.62 10.08 -0.13
N SER A 111 -2.02 11.25 0.08
CA SER A 111 -0.80 11.37 0.88
C SER A 111 -0.78 12.70 1.61
N PRO A 112 -0.87 12.71 2.95
CA PRO A 112 -0.95 11.52 3.79
C PRO A 112 -2.34 10.91 3.77
N CYS A 113 -2.42 9.63 4.05
CA CYS A 113 -3.70 8.97 4.24
C CYS A 113 -3.97 8.73 5.71
N PRO A 114 -5.21 8.42 6.06
CA PRO A 114 -5.51 8.08 7.46
C PRO A 114 -4.85 6.77 7.85
N TRP A 115 -4.53 6.65 9.13
CA TRP A 115 -3.92 5.42 9.60
C TRP A 115 -4.94 4.28 9.59
N VAL A 116 -6.19 4.57 9.94
CA VAL A 116 -7.24 3.55 10.06
C VAL A 116 -8.29 3.82 8.99
N VAL A 117 -8.57 2.82 8.16
CA VAL A 117 -9.65 2.94 7.18
C VAL A 117 -10.99 2.89 7.92
N THR A 118 -11.89 3.80 7.57
CA THR A 118 -13.22 3.85 8.14
C THR A 118 -14.27 3.66 7.05
N PRO A 119 -15.49 3.27 7.43
CA PRO A 119 -16.58 3.26 6.44
C PRO A 119 -16.81 4.62 5.81
N GLU A 120 -16.70 5.69 6.59
CA GLU A 120 -16.89 7.03 6.04
C GLU A 120 -15.85 7.36 4.99
N PHE A 121 -14.62 6.86 5.18
CA PHE A 121 -13.57 7.04 4.18
C PHE A 121 -13.95 6.37 2.86
N LEU A 122 -14.50 5.16 2.93
CA LEU A 122 -14.85 4.47 1.68
C LEU A 122 -15.92 5.25 0.92
N GLU A 123 -16.88 5.83 1.64
CA GLU A 123 -17.90 6.63 0.96
C GLU A 123 -17.31 7.90 0.39
N LYS A 124 -16.42 8.55 1.16
CA LYS A 124 -15.87 9.83 0.73
C LYS A 124 -15.15 9.71 -0.62
N TYR A 125 -14.35 8.66 -0.79
CA TYR A 125 -13.55 8.48 -2.00
C TYR A 125 -14.17 7.49 -2.98
N LYS A 126 -15.40 7.03 -2.73
CA LYS A 126 -16.11 6.12 -3.62
C LYS A 126 -15.30 4.85 -3.87
N ILE A 127 -14.71 4.32 -2.80
CA ILE A 127 -13.88 3.13 -2.89
C ILE A 127 -14.75 1.89 -2.84
N ASP A 128 -14.52 0.96 -3.78
CA ASP A 128 -15.26 -0.30 -3.82
C ASP A 128 -14.62 -1.41 -3.00
N TYR A 129 -13.29 -1.52 -3.02
CA TYR A 129 -12.55 -2.57 -2.31
C TYR A 129 -11.27 -2.00 -1.72
N VAL A 130 -10.91 -2.51 -0.55
CA VAL A 130 -9.62 -2.25 0.07
C VAL A 130 -8.74 -3.47 -0.17
N ALA A 131 -7.54 -3.25 -0.70
CA ALA A 131 -6.60 -4.31 -1.01
C ALA A 131 -5.43 -4.22 -0.05
N HIS A 132 -5.14 -5.32 0.63
CA HIS A 132 -4.10 -5.32 1.64
C HIS A 132 -3.65 -6.75 1.89
N ASP A 133 -2.41 -6.90 2.37
CA ASP A 133 -2.00 -8.21 2.84
C ASP A 133 -2.90 -8.60 4.01
N ASP A 134 -3.12 -9.91 4.16
CA ASP A 134 -4.11 -10.40 5.11
C ASP A 134 -3.42 -11.04 6.31
N ASP A 144 -8.29 -8.92 14.06
CA ASP A 144 -8.35 -8.73 12.62
C ASP A 144 -8.95 -7.37 12.30
N ILE A 145 -8.09 -6.37 12.05
CA ILE A 145 -8.60 -5.02 11.77
C ILE A 145 -9.36 -4.95 10.46
N TYR A 146 -9.31 -6.01 9.65
CA TYR A 146 -9.99 -6.03 8.37
C TYR A 146 -11.24 -6.92 8.37
N ALA A 147 -11.63 -7.45 9.54
CA ALA A 147 -12.83 -8.28 9.58
C ALA A 147 -14.06 -7.50 9.12
N TRP A 148 -14.17 -6.22 9.49
CA TRP A 148 -15.32 -5.46 9.02
C TRP A 148 -15.35 -5.32 7.51
N LEU A 149 -14.18 -5.21 6.86
CA LEU A 149 -14.18 -5.14 5.40
C LEU A 149 -14.59 -6.47 4.78
N LYS A 150 -14.09 -7.58 5.32
CA LYS A 150 -14.49 -8.89 4.83
C LYS A 150 -15.98 -9.11 5.02
N ARG A 151 -16.51 -8.70 6.17
CA ARG A 151 -17.94 -8.86 6.42
C ARG A 151 -18.76 -8.08 5.41
N ALA A 152 -18.24 -6.94 4.92
CA ALA A 152 -18.96 -6.09 3.98
C ALA A 152 -18.73 -6.49 2.53
N GLY A 153 -17.85 -7.46 2.28
CA GLY A 153 -17.55 -7.87 0.92
C GLY A 153 -16.58 -6.94 0.23
N LYS A 154 -15.89 -6.10 1.00
CA LYS A 154 -15.03 -5.07 0.42
C LYS A 154 -13.54 -5.33 0.65
N PHE A 155 -13.16 -6.51 1.13
CA PHE A 155 -11.75 -6.80 1.35
C PHE A 155 -11.19 -7.66 0.22
N LYS A 156 -10.05 -7.25 -0.33
CA LYS A 156 -9.33 -8.04 -1.33
C LYS A 156 -7.91 -8.29 -0.81
N ALA A 157 -7.56 -9.56 -0.65
CA ALA A 157 -6.22 -9.89 -0.15
C ALA A 157 -5.19 -9.76 -1.26
N THR A 158 -4.02 -9.21 -0.91
CA THR A 158 -2.84 -9.21 -1.78
C THR A 158 -1.69 -9.81 -0.98
N GLN A 159 -0.72 -10.36 -1.69
CA GLN A 159 0.34 -11.16 -1.09
C GLN A 159 1.68 -10.42 -1.12
N ARG A 160 2.45 -10.58 -0.05
CA ARG A 160 3.80 -10.08 0.04
C ARG A 160 4.78 -11.05 -0.61
N THR A 161 5.92 -10.52 -1.02
CA THR A 161 7.03 -11.31 -1.55
C THR A 161 8.22 -11.16 -0.62
N GLU A 162 8.81 -12.28 -0.21
CA GLU A 162 9.92 -12.23 0.73
C GLU A 162 11.25 -12.19 0.00
N GLY A 163 12.29 -11.78 0.75
CA GLY A 163 13.65 -11.78 0.25
C GLY A 163 13.98 -10.75 -0.80
N VAL A 164 13.05 -9.86 -1.15
CA VAL A 164 13.24 -8.93 -2.25
C VAL A 164 13.46 -7.50 -1.78
N SER A 165 13.54 -7.26 -0.47
CA SER A 165 13.56 -5.90 0.03
C SER A 165 14.94 -5.28 -0.13
N THR A 166 14.94 -3.96 -0.33
CA THR A 166 16.19 -3.19 -0.35
C THR A 166 17.09 -3.60 0.82
N THR A 167 16.51 -3.72 2.01
CA THR A 167 17.22 -4.25 3.17
C THR A 167 18.01 -5.51 2.83
N ASP A 168 17.35 -6.52 2.26
CA ASP A 168 17.99 -7.80 1.97
C ASP A 168 19.09 -7.68 0.93
N LEU A 169 19.04 -6.67 0.06
CA LEU A 169 20.07 -6.51 -0.97
C LEU A 169 21.37 -5.95 -0.39
N ILE A 170 21.29 -5.10 0.63
CA ILE A 170 22.51 -4.70 1.32
C ILE A 170 23.10 -5.88 2.07
N VAL A 171 22.23 -6.74 2.63
CA VAL A 171 22.70 -7.96 3.27
C VAL A 171 23.38 -8.86 2.24
N ARG A 172 22.90 -8.86 0.99
CA ARG A 172 23.56 -9.65 -0.04
C ARG A 172 24.95 -9.12 -0.33
N ILE A 173 25.13 -7.80 -0.32
CA ILE A 173 26.45 -7.21 -0.52
C ILE A 173 27.37 -7.54 0.66
N LEU A 174 26.93 -7.18 1.86
CA LEU A 174 27.74 -7.43 3.05
C LEU A 174 28.03 -8.91 3.26
N LYS A 175 27.21 -9.81 2.70
CA LYS A 175 27.47 -11.23 2.85
C LYS A 175 28.65 -11.68 1.98
N ASN A 176 28.89 -11.00 0.86
CA ASN A 176 30.07 -11.22 0.05
C ASN A 176 31.25 -10.36 0.50
N TYR A 177 31.15 -9.72 1.66
CA TYR A 177 32.20 -8.84 2.15
C TYR A 177 32.70 -9.27 3.53
#